data_9LX2
#
_entry.id   9LX2
#
_cell.length_a   24.060
_cell.length_b   52.600
_cell.length_c   58.290
_cell.angle_alpha   105.549
_cell.angle_beta   96.900
_cell.angle_gamma   100.556
#
_symmetry.space_group_name_H-M   'P 1'
#
loop_
_entity.id
_entity.type
_entity.pdbx_description
1 polymer 'anti-CRISPR-associated protein Aca11'
2 water water
#
_entity_poly.entity_id   1
_entity_poly.type   'polypeptide(L)'
_entity_poly.pdbx_seq_one_letter_code
;MKVDTKQIEWLLKNASGYQISKMSGVAQPTISALINKKRSIENLTIETGHKLTELANQMQKTPLEHHHHHH
;
_entity_poly.pdbx_strand_id   A,B,C,D
#
# COMPACT_ATOMS: atom_id res chain seq x y z
N MET A 1 -3.38 7.03 9.27
CA MET A 1 -2.07 7.51 8.76
C MET A 1 -1.27 6.31 8.39
N LYS A 2 -0.46 6.43 7.34
CA LYS A 2 0.43 5.35 6.94
C LYS A 2 1.85 5.89 6.97
N VAL A 3 2.78 5.00 7.25
CA VAL A 3 4.18 5.32 7.33
C VAL A 3 4.90 4.25 6.51
N ASP A 4 5.91 4.67 5.77
CA ASP A 4 6.79 3.78 5.01
C ASP A 4 8.20 4.32 5.18
N THR A 5 9.04 3.55 5.88
CA THR A 5 10.38 4.01 6.21
C THR A 5 11.24 4.09 4.95
N LYS A 6 10.99 3.26 3.94
CA LYS A 6 11.70 3.40 2.67
C LYS A 6 11.45 4.77 2.04
N GLN A 7 10.22 5.25 2.10
CA GLN A 7 9.93 6.60 1.61
C GLN A 7 10.70 7.66 2.42
N ILE A 8 10.75 7.50 3.75
CA ILE A 8 11.50 8.43 4.60
C ILE A 8 12.99 8.43 4.23
N GLU A 9 13.57 7.25 4.04
CA GLU A 9 14.96 7.23 3.57
C GLU A 9 15.13 7.95 2.21
N TRP A 10 14.24 7.68 1.25
CA TRP A 10 14.32 8.37 -0.03
C TRP A 10 14.32 9.86 0.18
N LEU A 11 13.38 10.33 1.01
CA LEU A 11 13.28 11.75 1.34
C LEU A 11 14.59 12.29 1.89
N LEU A 12 15.15 11.58 2.86
CA LEU A 12 16.37 12.07 3.52
C LEU A 12 17.54 12.11 2.54
N LYS A 13 17.56 11.21 1.49
CA LYS A 13 18.59 11.51 0.49
C LYS A 13 18.23 12.50 -0.60
N ASN A 14 16.97 12.94 -0.76
CA ASN A 14 16.65 13.69 -1.98
C ASN A 14 16.25 15.14 -1.77
N ALA A 15 16.26 15.63 -0.55
CA ALA A 15 16.00 17.03 -0.30
C ALA A 15 16.89 17.39 0.86
N SER A 16 17.14 18.68 0.96
CA SER A 16 17.94 19.27 2.01
C SER A 16 17.15 19.29 3.32
N GLY A 17 17.89 19.32 4.44
CA GLY A 17 17.24 19.36 5.73
C GLY A 17 16.32 20.56 5.88
N TYR A 18 16.75 21.72 5.38
CA TYR A 18 15.91 22.94 5.41
C TYR A 18 14.60 22.74 4.65
N GLN A 19 14.66 22.11 3.49
CA GLN A 19 13.44 21.96 2.71
C GLN A 19 12.54 20.89 3.31
N ILE A 20 13.10 19.82 3.82
CA ILE A 20 12.28 18.79 4.48
C ILE A 20 11.55 19.37 5.67
N SER A 21 12.27 20.12 6.53
CA SER A 21 11.65 20.72 7.70
C SER A 21 10.59 21.75 7.30
N LYS A 22 10.89 22.59 6.30
CA LYS A 22 9.91 23.60 5.91
C LYS A 22 8.68 23.01 5.23
N MET A 23 8.85 21.98 4.40
CA MET A 23 7.71 21.43 3.69
C MET A 23 6.95 20.37 4.47
N SER A 24 7.53 19.82 5.53
CA SER A 24 6.80 18.80 6.24
C SER A 24 6.27 19.27 7.57
N GLY A 25 6.78 20.40 8.08
CA GLY A 25 6.46 20.86 9.40
C GLY A 25 7.25 20.19 10.50
N VAL A 26 8.12 19.25 10.17
CA VAL A 26 8.89 18.60 11.22
C VAL A 26 10.03 19.51 11.65
N ALA A 27 10.26 19.54 12.96
CA ALA A 27 11.24 20.43 13.53
C ALA A 27 12.65 20.19 12.99
N GLN A 28 13.38 21.30 12.80
CA GLN A 28 14.75 21.23 12.32
C GLN A 28 15.64 20.32 13.17
N PRO A 29 15.63 20.34 14.50
CA PRO A 29 16.56 19.42 15.18
C PRO A 29 16.27 17.94 14.88
N THR A 30 15.00 17.54 14.77
CA THR A 30 14.72 16.14 14.38
C THR A 30 15.28 15.81 13.00
N ILE A 31 15.06 16.69 12.02
CA ILE A 31 15.54 16.38 10.67
C ILE A 31 17.08 16.31 10.64
N SER A 32 17.75 17.26 11.32
CA SER A 32 19.22 17.21 11.34
C SER A 32 19.73 15.94 12.00
N ALA A 33 19.13 15.53 13.12
CA ALA A 33 19.54 14.26 13.75
C ALA A 33 19.28 13.06 12.84
N LEU A 34 18.19 13.05 12.08
CA LEU A 34 18.00 11.92 11.15
C LEU A 34 19.10 11.90 10.09
N ILE A 35 19.42 13.06 9.52
CA ILE A 35 20.42 13.14 8.46
C ILE A 35 21.79 12.73 9.01
N ASN A 36 22.12 13.14 10.24
CA ASN A 36 23.37 12.76 10.90
C ASN A 36 23.36 11.33 11.40
N LYS A 37 22.21 10.68 11.34
CA LYS A 37 22.02 9.31 11.82
C LYS A 37 22.36 9.21 13.30
N LYS A 38 22.10 10.31 14.00
CA LYS A 38 22.18 10.38 15.44
C LYS A 38 20.92 9.84 16.10
N ARG A 39 19.79 9.83 15.37
CA ARG A 39 18.55 9.24 15.86
C ARG A 39 17.96 8.41 14.74
N SER A 40 17.25 7.35 15.09
CA SER A 40 16.78 6.40 14.10
C SER A 40 15.40 6.73 13.59
N ILE A 41 15.14 6.34 12.34
CA ILE A 41 13.79 6.47 11.80
C ILE A 41 12.81 5.67 12.61
N GLU A 42 13.21 4.43 12.96
CA GLU A 42 12.32 3.52 13.68
C GLU A 42 11.84 4.09 15.01
N ASN A 43 12.59 5.03 15.62
CA ASN A 43 12.15 5.55 16.93
C ASN A 43 11.37 6.85 16.88
N LEU A 44 11.16 7.42 15.67
CA LEU A 44 10.26 8.56 15.49
C LEU A 44 8.83 8.19 15.86
N THR A 45 8.00 9.20 16.19
CA THR A 45 6.59 8.89 16.36
C THR A 45 5.95 8.55 15.00
N ILE A 46 4.85 7.79 15.04
CA ILE A 46 4.04 7.56 13.85
C ILE A 46 3.64 8.90 13.24
N GLU A 47 3.31 9.90 14.07
CA GLU A 47 2.88 11.19 13.52
C GLU A 47 3.99 11.81 12.65
N THR A 48 5.21 11.86 13.20
CA THR A 48 6.34 12.38 12.41
C THR A 48 6.56 11.52 11.19
N GLY A 49 6.51 10.19 11.37
CA GLY A 49 6.76 9.29 10.26
C GLY A 49 5.76 9.48 9.13
N HIS A 50 4.49 9.77 9.48
CA HIS A 50 3.47 10.06 8.48
C HIS A 50 3.75 11.37 7.74
N LYS A 51 4.15 12.43 8.45
CA LYS A 51 4.47 13.70 7.77
C LYS A 51 5.60 13.53 6.77
N LEU A 52 6.61 12.75 7.16
CA LEU A 52 7.74 12.55 6.25
C LEU A 52 7.38 11.62 5.11
N THR A 53 6.57 10.59 5.36
CA THR A 53 6.08 9.74 4.26
C THR A 53 5.26 10.56 3.26
N GLU A 54 4.33 11.40 3.76
CA GLU A 54 3.50 12.21 2.86
C GLU A 54 4.35 13.16 2.02
N LEU A 55 5.30 13.86 2.64
CA LEU A 55 6.17 14.74 1.84
C LEU A 55 6.94 13.91 0.79
N ALA A 56 7.42 12.76 1.17
CA ALA A 56 8.16 11.95 0.22
C ALA A 56 7.27 11.56 -0.96
N ASN A 57 6.03 11.12 -0.67
CA ASN A 57 5.03 10.81 -1.71
C ASN A 57 4.83 12.00 -2.64
N GLN A 58 4.60 13.18 -2.07
CA GLN A 58 4.37 14.35 -2.91
C GLN A 58 5.58 14.69 -3.76
N MET A 59 6.78 14.66 -3.18
CA MET A 59 7.95 15.03 -3.98
C MET A 59 8.24 14.03 -5.08
N GLN A 60 8.01 12.75 -4.81
CA GLN A 60 8.17 11.71 -5.81
C GLN A 60 7.20 11.90 -6.94
N LYS A 61 6.02 12.43 -6.62
CA LYS A 61 5.09 12.72 -7.75
C LYS A 61 5.31 14.01 -8.45
N THR A 62 6.40 14.73 -8.23
CA THR A 62 6.70 15.87 -9.09
C THR A 62 6.91 15.40 -10.53
N PRO A 63 6.56 16.23 -11.53
CA PRO A 63 6.67 15.77 -12.92
C PRO A 63 8.07 15.26 -13.28
N LEU A 64 8.09 14.38 -14.28
CA LEU A 64 9.32 13.69 -14.67
C LEU A 64 10.41 14.65 -15.11
N GLU A 65 10.03 15.86 -15.54
CA GLU A 65 11.04 16.85 -15.89
C GLU A 65 11.95 17.14 -14.71
N HIS A 66 11.37 17.30 -13.52
CA HIS A 66 12.14 17.65 -12.32
C HIS A 66 12.87 16.46 -11.70
N HIS A 67 12.74 15.27 -12.27
CA HIS A 67 13.55 14.14 -11.89
C HIS A 67 14.80 14.11 -12.75
N HIS A 68 15.74 13.26 -12.34
CA HIS A 68 17.01 13.03 -13.04
C HIS A 68 17.64 14.32 -13.58
N MET B 1 1.09 -9.58 -7.83
CA MET B 1 1.56 -8.37 -8.53
C MET B 1 0.62 -7.36 -7.95
N LYS B 2 1.01 -6.11 -7.80
CA LYS B 2 0.06 -5.09 -7.34
C LYS B 2 -0.16 -4.08 -8.45
N VAL B 3 -1.37 -3.52 -8.45
CA VAL B 3 -1.77 -2.54 -9.43
C VAL B 3 -2.30 -1.34 -8.67
N ASP B 4 -2.02 -0.14 -9.16
CA ASP B 4 -2.61 1.07 -8.61
C ASP B 4 -2.96 2.00 -9.77
N THR B 5 -4.27 2.22 -10.05
CA THR B 5 -4.65 2.98 -11.23
C THR B 5 -4.25 4.43 -11.10
N LYS B 6 -4.17 4.98 -9.89
CA LYS B 6 -3.66 6.34 -9.73
C LYS B 6 -2.25 6.49 -10.29
N GLN B 7 -1.40 5.51 -10.05
CA GLN B 7 -0.04 5.50 -10.61
C GLN B 7 -0.06 5.41 -12.14
N ILE B 8 -0.92 4.56 -12.69
CA ILE B 8 -1.06 4.48 -14.16
C ILE B 8 -1.49 5.82 -14.73
N GLU B 9 -2.48 6.47 -14.09
CA GLU B 9 -2.87 7.80 -14.53
C GLU B 9 -1.70 8.77 -14.50
N TRP B 10 -0.96 8.80 -13.39
CA TRP B 10 0.17 9.71 -13.32
C TRP B 10 1.12 9.47 -14.49
N LEU B 11 1.37 8.20 -14.74
CA LEU B 11 2.27 7.80 -15.83
C LEU B 11 1.83 8.36 -17.16
N LEU B 12 0.55 8.17 -17.48
CA LEU B 12 0.03 8.58 -18.77
C LEU B 12 0.02 10.11 -18.87
N LYS B 13 -0.10 10.81 -17.75
CA LYS B 13 0.01 12.25 -17.74
C LYS B 13 1.45 12.74 -17.85
N ASN B 14 2.44 11.93 -17.50
CA ASN B 14 3.78 12.46 -17.37
C ASN B 14 4.79 11.88 -18.35
N ALA B 15 4.40 10.96 -19.21
CA ALA B 15 5.35 10.39 -20.13
C ALA B 15 4.60 10.11 -21.40
N SER B 16 5.34 10.07 -22.51
CA SER B 16 4.74 9.81 -23.82
C SER B 16 4.49 8.32 -24.01
N GLY B 17 3.57 8.01 -24.93
CA GLY B 17 3.33 6.63 -25.28
C GLY B 17 4.61 5.93 -25.72
N TYR B 18 5.47 6.61 -26.47
CA TYR B 18 6.75 6.01 -26.88
C TYR B 18 7.61 5.64 -25.67
N GLN B 19 7.78 6.57 -24.75
CA GLN B 19 8.65 6.27 -23.60
C GLN B 19 8.03 5.20 -22.71
N ILE B 20 6.73 5.25 -22.51
CA ILE B 20 6.07 4.24 -21.67
C ILE B 20 6.29 2.86 -22.27
N SER B 21 6.07 2.75 -23.58
CA SER B 21 6.20 1.46 -24.25
C SER B 21 7.63 0.99 -24.21
N LYS B 22 8.58 1.90 -24.47
CA LYS B 22 9.96 1.45 -24.46
C LYS B 22 10.42 1.01 -23.07
N MET B 23 9.99 1.73 -22.02
CA MET B 23 10.44 1.35 -20.68
C MET B 23 9.61 0.28 -19.99
N SER B 24 8.39 0.00 -20.44
CA SER B 24 7.54 -0.98 -19.77
C SER B 24 7.41 -2.28 -20.54
N GLY B 25 7.71 -2.30 -21.84
CA GLY B 25 7.46 -3.46 -22.66
C GLY B 25 6.01 -3.61 -23.14
N VAL B 26 5.11 -2.73 -22.74
CA VAL B 26 3.76 -2.82 -23.26
C VAL B 26 3.75 -2.25 -24.66
N ALA B 27 3.04 -2.94 -25.56
CA ALA B 27 3.06 -2.53 -26.96
C ALA B 27 2.52 -1.11 -27.10
N GLN B 28 3.20 -0.30 -27.91
CA GLN B 28 2.77 1.09 -28.05
C GLN B 28 1.32 1.26 -28.47
N PRO B 29 0.73 0.44 -29.35
CA PRO B 29 -0.71 0.63 -29.63
C PRO B 29 -1.61 0.53 -28.39
N THR B 30 -1.29 -0.32 -27.43
CA THR B 30 -2.06 -0.34 -26.18
C THR B 30 -1.95 0.99 -25.43
N ILE B 31 -0.74 1.51 -25.30
CA ILE B 31 -0.53 2.79 -24.62
C ILE B 31 -1.23 3.91 -25.36
N SER B 32 -1.12 3.91 -26.69
CA SER B 32 -1.72 5.00 -27.47
C SER B 32 -3.21 5.00 -27.27
N ALA B 33 -3.81 3.80 -27.28
CA ALA B 33 -5.24 3.68 -26.98
C ALA B 33 -5.59 4.19 -25.58
N LEU B 34 -4.77 3.93 -24.58
CA LEU B 34 -5.04 4.45 -23.24
C LEU B 34 -4.97 5.97 -23.24
N ILE B 35 -3.94 6.54 -23.87
CA ILE B 35 -3.73 7.99 -23.84
C ILE B 35 -4.88 8.71 -24.55
N ASN B 36 -5.34 8.21 -25.71
CA ASN B 36 -6.48 8.78 -26.43
C ASN B 36 -7.83 8.36 -25.86
N LYS B 37 -7.85 7.54 -24.83
CA LYS B 37 -9.07 7.07 -24.18
C LYS B 37 -9.93 6.23 -25.13
N LYS B 38 -9.32 5.52 -26.08
CA LYS B 38 -10.12 4.57 -26.81
C LYS B 38 -10.27 3.28 -26.01
N ARG B 39 -9.37 3.06 -25.07
CA ARG B 39 -9.44 1.92 -24.15
C ARG B 39 -9.30 2.49 -22.74
N SER B 40 -9.97 1.86 -21.79
CA SER B 40 -9.91 2.29 -20.40
C SER B 40 -8.83 1.57 -19.59
N ILE B 41 -8.29 2.27 -18.59
CA ILE B 41 -7.33 1.63 -17.69
C ILE B 41 -8.01 0.48 -16.97
N GLU B 42 -9.27 0.65 -16.54
CA GLU B 42 -9.91 -0.44 -15.78
C GLU B 42 -10.07 -1.75 -16.58
N ASN B 43 -10.06 -1.69 -17.90
CA ASN B 43 -10.20 -2.87 -18.75
C ASN B 43 -8.84 -3.48 -19.12
N LEU B 44 -7.74 -2.87 -18.69
CA LEU B 44 -6.42 -3.52 -18.89
C LEU B 44 -6.37 -4.81 -18.08
N THR B 45 -5.52 -5.77 -18.48
CA THR B 45 -5.30 -6.90 -17.59
C THR B 45 -4.49 -6.45 -16.36
N ILE B 46 -4.61 -7.26 -15.31
CA ILE B 46 -3.78 -7.06 -14.14
C ILE B 46 -2.32 -7.10 -14.52
N GLU B 47 -1.94 -7.97 -15.43
CA GLU B 47 -0.52 -8.07 -15.83
C GLU B 47 0.00 -6.75 -16.41
N THR B 48 -0.73 -6.21 -17.38
CA THR B 48 -0.32 -4.93 -17.95
C THR B 48 -0.35 -3.83 -16.93
N GLY B 49 -1.43 -3.78 -16.11
CA GLY B 49 -1.53 -2.74 -15.11
C GLY B 49 -0.38 -2.80 -14.11
N HIS B 50 0.06 -4.00 -13.77
CA HIS B 50 1.25 -4.15 -12.92
C HIS B 50 2.49 -3.57 -13.60
N LYS B 51 2.69 -3.84 -14.91
CA LYS B 51 3.86 -3.27 -15.62
C LYS B 51 3.85 -1.74 -15.61
N LEU B 52 2.67 -1.16 -15.80
CA LEU B 52 2.56 0.30 -15.83
C LEU B 52 2.72 0.92 -14.44
N THR B 53 2.21 0.23 -13.41
CA THR B 53 2.39 0.66 -12.01
C THR B 53 3.86 0.59 -11.62
N GLU B 54 4.57 -0.49 -11.99
CA GLU B 54 5.98 -0.57 -11.66
C GLU B 54 6.78 0.54 -12.35
N LEU B 55 6.49 0.81 -13.63
CA LEU B 55 7.19 1.91 -14.31
C LEU B 55 6.92 3.23 -13.63
N ALA B 56 5.68 3.49 -13.26
CA ALA B 56 5.42 4.75 -12.59
C ALA B 56 6.19 4.85 -11.26
N ASN B 57 6.13 3.80 -10.43
CA ASN B 57 6.89 3.75 -9.16
C ASN B 57 8.37 4.03 -9.45
N GLN B 58 8.92 3.34 -10.47
CA GLN B 58 10.33 3.52 -10.82
C GLN B 58 10.61 4.95 -11.23
N MET B 59 9.75 5.56 -12.07
CA MET B 59 10.07 6.93 -12.48
C MET B 59 9.96 7.89 -11.29
N GLN B 60 8.98 7.66 -10.40
CA GLN B 60 8.75 8.55 -9.27
C GLN B 60 9.89 8.51 -8.29
N LYS B 61 10.55 7.37 -8.15
CA LYS B 61 11.65 7.16 -7.25
C LYS B 61 13.00 7.56 -7.83
N THR B 62 13.05 7.99 -9.09
CA THR B 62 14.31 8.48 -9.63
C THR B 62 14.72 9.73 -8.87
N PRO B 63 16.01 9.89 -8.59
CA PRO B 63 16.42 11.00 -7.76
C PRO B 63 16.05 12.32 -8.40
N LEU B 64 15.85 13.30 -7.53
CA LEU B 64 15.39 14.60 -7.94
C LEU B 64 16.60 15.47 -8.29
N GLU B 65 16.37 16.44 -9.17
CA GLU B 65 17.43 17.33 -9.65
C GLU B 65 18.18 18.04 -8.52
N MET C 1 -8.41 2.50 -8.19
CA MET C 1 -8.65 1.08 -7.91
C MET C 1 -7.26 0.52 -7.61
N LYS C 2 -7.15 -0.39 -6.65
CA LYS C 2 -5.92 -1.11 -6.37
C LYS C 2 -6.16 -2.62 -6.44
N VAL C 3 -5.16 -3.35 -6.89
CA VAL C 3 -5.29 -4.78 -7.03
C VAL C 3 -4.10 -5.38 -6.31
N ASP C 4 -4.34 -6.46 -5.59
CA ASP C 4 -3.27 -7.24 -4.98
C ASP C 4 -3.58 -8.69 -5.26
N THR C 5 -2.75 -9.33 -6.06
CA THR C 5 -3.03 -10.72 -6.47
C THR C 5 -2.95 -11.71 -5.29
N LYS C 6 -2.07 -11.51 -4.29
CA LYS C 6 -2.14 -12.32 -3.06
C LYS C 6 -3.49 -12.22 -2.37
N GLN C 7 -4.06 -11.04 -2.27
CA GLN C 7 -5.38 -10.97 -1.64
C GLN C 7 -6.39 -11.81 -2.43
N ILE C 8 -6.31 -11.78 -3.76
CA ILE C 8 -7.18 -12.62 -4.59
C ILE C 8 -6.95 -14.10 -4.30
N GLU C 9 -5.69 -14.51 -4.21
CA GLU C 9 -5.38 -15.91 -3.95
C GLU C 9 -5.95 -16.35 -2.62
N TRP C 10 -5.79 -15.50 -1.60
CA TRP C 10 -6.32 -15.76 -0.27
C TRP C 10 -7.81 -15.97 -0.33
N LEU C 11 -8.50 -15.07 -1.04
CA LEU C 11 -9.94 -15.19 -1.19
C LEU C 11 -10.32 -16.53 -1.83
N LEU C 12 -9.58 -16.97 -2.87
CA LEU C 12 -9.98 -18.20 -3.56
C LEU C 12 -9.81 -19.44 -2.69
N LYS C 13 -8.81 -19.43 -1.78
CA LYS C 13 -8.67 -20.46 -0.75
C LYS C 13 -9.63 -20.33 0.43
N ASN C 14 -10.22 -19.18 0.67
CA ASN C 14 -10.92 -19.00 1.93
C ASN C 14 -12.41 -18.83 1.78
N ALA C 15 -12.93 -18.86 0.57
CA ALA C 15 -14.37 -18.79 0.37
C ALA C 15 -14.67 -19.59 -0.89
N SER C 16 -15.95 -19.98 -1.02
CA SER C 16 -16.43 -20.75 -2.16
C SER C 16 -16.72 -19.85 -3.36
N GLY C 17 -16.63 -20.48 -4.54
CA GLY C 17 -16.95 -19.80 -5.77
C GLY C 17 -18.35 -19.22 -5.80
N TYR C 18 -19.33 -19.97 -5.27
CA TYR C 18 -20.69 -19.47 -5.29
C TYR C 18 -20.73 -18.06 -4.73
N GLN C 19 -20.00 -17.78 -3.72
CA GLN C 19 -20.31 -16.41 -3.30
C GLN C 19 -19.18 -15.52 -2.91
N ILE C 20 -18.00 -15.90 -3.38
CA ILE C 20 -17.16 -14.94 -4.06
C ILE C 20 -17.94 -14.29 -5.21
N SER C 21 -18.57 -15.13 -6.06
CA SER C 21 -19.29 -14.58 -7.21
C SER C 21 -20.45 -13.73 -6.73
N LYS C 22 -21.17 -14.25 -5.74
CA LYS C 22 -22.39 -13.62 -5.31
C LYS C 22 -22.11 -12.33 -4.53
N MET C 23 -21.01 -12.25 -3.76
CA MET C 23 -20.75 -10.97 -3.11
C MET C 23 -19.93 -9.98 -3.96
N SER C 24 -19.19 -10.42 -4.97
CA SER C 24 -18.34 -9.48 -5.69
C SER C 24 -18.92 -9.00 -6.99
N GLY C 25 -19.97 -9.65 -7.50
CA GLY C 25 -20.42 -9.36 -8.85
C GLY C 25 -19.67 -10.04 -9.99
N VAL C 26 -18.56 -10.75 -9.74
CA VAL C 26 -17.92 -11.47 -10.85
C VAL C 26 -18.63 -12.80 -11.13
N ALA C 27 -18.81 -13.08 -12.42
CA ALA C 27 -19.54 -14.24 -12.91
C ALA C 27 -18.89 -15.51 -12.38
N GLN C 28 -19.73 -16.49 -12.00
CA GLN C 28 -19.17 -17.73 -11.48
C GLN C 28 -18.25 -18.43 -12.48
N PRO C 29 -18.47 -18.36 -13.81
CA PRO C 29 -17.50 -19.01 -14.72
C PRO C 29 -16.09 -18.46 -14.58
N THR C 30 -15.99 -17.14 -14.42
CA THR C 30 -14.67 -16.56 -14.19
C THR C 30 -14.07 -17.10 -12.90
N ILE C 31 -14.88 -17.13 -11.82
CA ILE C 31 -14.39 -17.62 -10.52
C ILE C 31 -14.01 -19.11 -10.61
N SER C 32 -14.85 -19.91 -11.28
CA SER C 32 -14.55 -21.32 -11.46
C SER C 32 -13.25 -21.53 -12.25
N ALA C 33 -13.04 -20.75 -13.33
CA ALA C 33 -11.79 -20.83 -14.09
C ALA C 33 -10.57 -20.47 -13.25
N LEU C 34 -10.73 -19.48 -12.36
CA LEU C 34 -9.66 -19.12 -11.44
C LEU C 34 -9.36 -20.25 -10.47
N ILE C 35 -10.42 -20.83 -9.89
CA ILE C 35 -10.28 -21.90 -8.92
C ILE C 35 -9.60 -23.10 -9.56
N ASN C 36 -10.05 -23.48 -10.78
CA ASN C 36 -9.48 -24.65 -11.48
C ASN C 36 -8.26 -24.30 -12.30
N LYS C 37 -7.48 -23.32 -11.94
CA LYS C 37 -6.40 -22.73 -12.75
C LYS C 37 -6.77 -22.58 -14.26
N LYS C 38 -8.01 -22.29 -14.73
CA LYS C 38 -7.87 -22.61 -16.15
C LYS C 38 -7.18 -21.39 -16.69
N ARG C 39 -7.50 -20.30 -15.97
CA ARG C 39 -7.21 -18.92 -16.32
C ARG C 39 -6.42 -18.29 -15.19
N SER C 40 -5.46 -17.49 -15.56
CA SER C 40 -4.63 -16.88 -14.53
C SER C 40 -5.25 -15.60 -13.99
N ILE C 41 -5.02 -15.36 -12.72
CA ILE C 41 -5.41 -14.13 -12.05
C ILE C 41 -4.87 -12.90 -12.80
N GLU C 42 -3.64 -12.99 -13.31
CA GLU C 42 -3.00 -11.92 -14.06
C GLU C 42 -3.73 -11.59 -15.36
N ASN C 43 -4.58 -12.46 -15.87
CA ASN C 43 -5.34 -12.12 -17.06
C ASN C 43 -6.72 -11.52 -16.75
N LEU C 44 -7.10 -11.39 -15.50
CA LEU C 44 -8.33 -10.68 -15.15
C LEU C 44 -8.19 -9.20 -15.49
N THR C 45 -9.31 -8.48 -15.65
CA THR C 45 -9.20 -7.04 -15.78
C THR C 45 -8.85 -6.43 -14.41
N ILE C 46 -8.31 -5.22 -14.45
CA ILE C 46 -8.14 -4.45 -13.23
C ILE C 46 -9.46 -4.30 -12.51
N GLU C 47 -10.53 -4.10 -13.25
CA GLU C 47 -11.84 -3.90 -12.62
C GLU C 47 -12.25 -5.13 -11.80
N THR C 48 -12.15 -6.30 -12.42
CA THR C 48 -12.43 -7.55 -11.74
C THR C 48 -11.48 -7.74 -10.58
N GLY C 49 -10.17 -7.49 -10.84
CA GLY C 49 -9.17 -7.64 -9.81
C GLY C 49 -9.42 -6.77 -8.60
N HIS C 50 -9.93 -5.56 -8.83
CA HIS C 50 -10.27 -4.66 -7.74
C HIS C 50 -11.45 -5.17 -6.93
N LYS C 51 -12.49 -5.67 -7.61
CA LYS C 51 -13.65 -6.23 -6.88
C LYS C 51 -13.22 -7.41 -6.03
N LEU C 52 -12.36 -8.26 -6.56
CA LEU C 52 -11.94 -9.42 -5.77
C LEU C 52 -10.96 -9.03 -4.65
N THR C 53 -10.07 -8.07 -4.91
CA THR C 53 -9.20 -7.55 -3.85
C THR C 53 -10.05 -6.92 -2.75
N GLU C 54 -11.05 -6.13 -3.13
CA GLU C 54 -11.90 -5.47 -2.15
C GLU C 54 -12.63 -6.48 -1.27
N LEU C 55 -13.25 -7.50 -1.89
CA LEU C 55 -13.93 -8.53 -1.12
C LEU C 55 -12.97 -9.22 -0.17
N ALA C 56 -11.76 -9.54 -0.64
CA ALA C 56 -10.78 -10.19 0.20
C ALA C 56 -10.46 -9.34 1.42
N ASN C 57 -10.23 -8.03 1.21
CA ASN C 57 -9.99 -7.12 2.33
C ASN C 57 -11.18 -7.15 3.30
N GLN C 58 -12.39 -7.09 2.77
CA GLN C 58 -13.56 -7.04 3.62
C GLN C 58 -13.68 -8.32 4.44
N MET C 59 -13.47 -9.48 3.79
CA MET C 59 -13.65 -10.75 4.50
C MET C 59 -12.55 -10.97 5.54
N GLN C 60 -11.31 -10.54 5.22
CA GLN C 60 -10.20 -10.62 6.16
C GLN C 60 -10.43 -9.78 7.40
N LYS C 61 -11.18 -8.69 7.28
CA LYS C 61 -11.39 -7.80 8.39
C LYS C 61 -12.55 -8.24 9.28
N THR C 62 -13.17 -9.38 9.00
CA THR C 62 -14.12 -9.95 9.94
C THR C 62 -13.42 -10.38 11.25
N PRO C 63 -14.12 -10.28 12.39
CA PRO C 63 -13.52 -10.53 13.71
C PRO C 63 -12.86 -11.90 13.92
N LEU C 64 -12.10 -11.96 15.02
CA LEU C 64 -11.23 -13.10 15.34
C LEU C 64 -11.97 -14.42 15.37
N GLU C 65 -13.19 -14.43 15.93
CA GLU C 65 -13.88 -15.70 16.17
C GLU C 65 -14.29 -16.38 14.86
N HIS C 66 -14.52 -15.59 13.80
CA HIS C 66 -14.90 -16.14 12.51
C HIS C 66 -13.70 -16.62 11.70
N HIS C 67 -12.49 -16.54 12.25
CA HIS C 67 -11.32 -17.15 11.64
C HIS C 67 -11.12 -18.49 12.35
N MET D 1 10.00 -0.67 7.20
CA MET D 1 8.81 -0.93 7.98
C MET D 1 7.64 -0.14 7.43
N LYS D 2 6.44 -0.71 7.49
CA LYS D 2 5.22 0.04 7.18
C LYS D 2 4.29 0.04 8.40
N VAL D 3 3.55 1.13 8.55
CA VAL D 3 2.57 1.29 9.60
C VAL D 3 1.27 1.69 8.94
N ASP D 4 0.13 1.20 9.44
CA ASP D 4 -1.19 1.66 9.03
C ASP D 4 -2.06 1.74 10.28
N THR D 5 -2.43 2.95 10.69
CA THR D 5 -3.09 3.16 12.00
C THR D 5 -4.49 2.58 12.05
N LYS D 6 -5.20 2.71 10.96
CA LYS D 6 -6.32 1.82 10.64
C LYS D 6 -6.19 0.35 10.92
N GLN D 7 -5.08 -0.29 10.56
CA GLN D 7 -4.87 -1.67 11.01
C GLN D 7 -4.74 -1.74 12.53
N ILE D 8 -4.04 -0.78 13.13
CA ILE D 8 -3.88 -0.80 14.59
C ILE D 8 -5.24 -0.65 15.28
N GLU D 9 -6.06 0.28 14.79
CA GLU D 9 -7.39 0.43 15.37
C GLU D 9 -8.19 -0.87 15.26
N TRP D 10 -8.14 -1.52 14.08
CA TRP D 10 -8.77 -2.83 13.93
C TRP D 10 -8.28 -3.83 15.00
N LEU D 11 -6.96 -3.88 15.22
CA LEU D 11 -6.39 -4.78 16.25
C LEU D 11 -6.92 -4.47 17.65
N LEU D 12 -6.95 -3.18 18.03
CA LEU D 12 -7.40 -2.83 19.38
C LEU D 12 -8.89 -3.15 19.57
N LYS D 13 -9.63 -3.00 18.50
CA LYS D 13 -11.00 -3.49 18.33
C LYS D 13 -11.17 -4.97 18.51
N ASN D 14 -10.24 -5.75 17.99
CA ASN D 14 -10.53 -7.16 17.79
C ASN D 14 -9.72 -8.10 18.67
N ALA D 15 -8.80 -7.60 19.49
CA ALA D 15 -8.02 -8.46 20.35
C ALA D 15 -7.78 -7.73 21.66
N SER D 16 -7.59 -8.51 22.71
CA SER D 16 -7.31 -7.98 24.03
C SER D 16 -5.84 -7.58 24.17
N GLY D 17 -5.61 -6.70 25.15
CA GLY D 17 -4.25 -6.28 25.45
C GLY D 17 -3.33 -7.44 25.76
N TYR D 18 -3.80 -8.44 26.53
CA TYR D 18 -2.97 -9.61 26.82
C TYR D 18 -2.56 -10.33 25.55
N GLN D 19 -3.51 -10.53 24.64
CA GLN D 19 -3.16 -11.32 23.47
C GLN D 19 -2.27 -10.53 22.52
N ILE D 20 -2.54 -9.25 22.37
CA ILE D 20 -1.73 -8.42 21.49
C ILE D 20 -0.31 -8.39 22.00
N SER D 21 -0.14 -8.13 23.32
CA SER D 21 1.18 -8.03 23.91
C SER D 21 1.90 -9.34 23.76
N LYS D 22 1.19 -10.42 24.00
CA LYS D 22 1.79 -11.72 24.06
C LYS D 22 2.22 -12.17 22.67
N MET D 23 1.47 -11.81 21.63
CA MET D 23 1.84 -12.15 20.26
C MET D 23 2.77 -11.16 19.54
N SER D 24 2.82 -9.90 19.95
CA SER D 24 3.65 -8.91 19.29
C SER D 24 4.88 -8.50 20.09
N GLY D 25 4.92 -8.79 21.40
CA GLY D 25 6.00 -8.31 22.24
C GLY D 25 5.89 -6.86 22.70
N VAL D 26 4.88 -6.12 22.27
CA VAL D 26 4.70 -4.75 22.72
C VAL D 26 4.19 -4.77 24.15
N ALA D 27 4.74 -3.87 24.97
CA ALA D 27 4.46 -3.94 26.40
C ALA D 27 2.96 -3.84 26.66
N GLN D 28 2.46 -4.77 27.47
CA GLN D 28 1.03 -4.76 27.78
C GLN D 28 0.60 -3.45 28.39
N PRO D 29 1.41 -2.75 29.20
CA PRO D 29 1.00 -1.41 29.63
C PRO D 29 0.85 -0.40 28.49
N THR D 30 1.70 -0.46 27.46
CA THR D 30 1.50 0.39 26.28
C THR D 30 0.17 0.07 25.61
N ILE D 31 -0.12 -1.23 25.43
CA ILE D 31 -1.38 -1.60 24.80
C ILE D 31 -2.56 -1.12 25.63
N SER D 32 -2.49 -1.28 26.97
CA SER D 32 -3.59 -0.82 27.82
C SER D 32 -3.78 0.69 27.70
N ALA D 33 -2.68 1.43 27.67
CA ALA D 33 -2.78 2.87 27.44
C ALA D 33 -3.49 3.19 26.13
N LEU D 34 -3.23 2.42 25.07
CA LEU D 34 -3.96 2.63 23.83
C LEU D 34 -5.45 2.29 24.01
N ILE D 35 -5.78 1.21 24.74
CA ILE D 35 -7.17 0.74 24.91
C ILE D 35 -8.03 1.69 25.81
N ASN D 36 -7.44 2.36 26.84
CA ASN D 36 -8.05 3.41 27.69
C ASN D 36 -7.36 4.59 27.11
N LYS D 37 -8.03 5.66 26.86
CA LYS D 37 -7.49 6.42 25.71
C LYS D 37 -6.48 7.45 26.13
N LYS D 38 -5.56 6.90 26.92
CA LYS D 38 -4.55 7.69 27.63
C LYS D 38 -3.41 8.10 26.73
N ARG D 39 -3.14 7.32 25.69
CA ARG D 39 -2.08 7.59 24.74
C ARG D 39 -2.65 7.43 23.34
N SER D 40 -2.15 8.24 22.40
CA SER D 40 -2.58 8.19 21.01
C SER D 40 -1.79 7.15 20.23
N ILE D 41 -2.43 6.56 19.23
CA ILE D 41 -1.70 5.69 18.32
C ILE D 41 -0.59 6.48 17.63
N GLU D 42 -0.88 7.72 17.28
CA GLU D 42 0.10 8.52 16.56
C GLU D 42 1.36 8.80 17.36
N ASN D 43 1.32 8.61 18.67
CA ASN D 43 2.48 8.83 19.54
C ASN D 43 3.30 7.60 19.84
N LEU D 44 2.87 6.43 19.37
CA LEU D 44 3.70 5.23 19.40
C LEU D 44 4.89 5.45 18.48
N THR D 45 5.98 4.71 18.72
CA THR D 45 7.05 4.79 17.75
C THR D 45 6.61 4.12 16.45
N ILE D 46 7.34 4.40 15.37
CA ILE D 46 7.16 3.66 14.11
C ILE D 46 7.39 2.16 14.33
N GLU D 47 8.40 1.79 15.11
CA GLU D 47 8.66 0.37 15.31
C GLU D 47 7.48 -0.34 15.99
N THR D 48 6.94 0.24 17.06
CA THR D 48 5.79 -0.33 17.72
C THR D 48 4.61 -0.37 16.78
N GLY D 49 4.39 0.73 16.02
CA GLY D 49 3.29 0.75 15.07
C GLY D 49 3.43 -0.30 14.00
N HIS D 50 4.67 -0.58 13.58
CA HIS D 50 4.94 -1.64 12.64
C HIS D 50 4.62 -3.01 13.23
N LYS D 51 5.01 -3.25 14.47
CA LYS D 51 4.71 -4.55 15.07
C LYS D 51 3.21 -4.75 15.20
N LEU D 52 2.47 -3.70 15.56
CA LEU D 52 1.01 -3.84 15.71
C LEU D 52 0.30 -3.91 14.35
N THR D 53 0.80 -3.14 13.37
CA THR D 53 0.30 -3.27 12.00
C THR D 53 0.58 -4.67 11.58
N GLU D 54 1.80 -5.18 11.79
CA GLU D 54 1.74 -6.62 11.49
C GLU D 54 0.92 -7.67 12.15
N LEU D 55 0.87 -7.55 13.46
CA LEU D 55 -0.01 -8.50 14.15
C LEU D 55 -1.36 -8.45 13.49
N ALA D 56 -1.85 -7.23 13.18
CA ALA D 56 -3.21 -7.12 12.60
C ALA D 56 -3.28 -7.81 11.26
N ASN D 57 -2.27 -7.56 10.41
CA ASN D 57 -2.18 -8.25 9.12
C ASN D 57 -2.24 -9.77 9.30
N GLN D 58 -1.47 -10.30 10.26
CA GLN D 58 -1.45 -11.77 10.45
C GLN D 58 -2.80 -12.27 10.89
N MET D 59 -3.41 -11.64 11.87
CA MET D 59 -4.71 -12.14 12.32
C MET D 59 -5.75 -12.06 11.21
N GLN D 60 -5.71 -10.99 10.41
CA GLN D 60 -6.66 -10.89 9.30
C GLN D 60 -6.40 -11.97 8.26
N LYS D 61 -5.16 -12.41 8.10
CA LYS D 61 -4.95 -13.38 7.05
C LYS D 61 -5.07 -14.84 7.51
N THR D 62 -5.34 -15.09 8.80
CA THR D 62 -5.57 -16.47 9.25
C THR D 62 -6.81 -17.02 8.58
N PRO D 63 -6.83 -18.30 8.22
CA PRO D 63 -7.96 -18.81 7.44
C PRO D 63 -9.30 -18.53 8.11
N LEU D 64 -10.29 -18.29 7.26
CA LEU D 64 -11.65 -18.71 7.41
C LEU D 64 -12.52 -17.47 7.54
#